data_6MLL
#
_entry.id   6MLL
#
_cell.length_a   57.112
_cell.length_b   58.445
_cell.length_c   74.563
_cell.angle_alpha   90.000
_cell.angle_beta   90.000
_cell.angle_gamma   90.000
#
_symmetry.space_group_name_H-M   'P 2 21 21'
#
loop_
_entity.id
_entity.type
_entity.pdbx_description
1 polymer 'Carbapenem-hydrolyzing beta-lactamase KPC'
2 non-polymer 1,5-diphenyl-N-(1H-tetrazol-5-yl)-1H-pyrazole-3-carboxamide
3 non-polymer GLYCEROL
4 water water
#
_entity_poly.entity_id   1
_entity_poly.type   'polypeptide(L)'
_entity_poly.pdbx_seq_one_letter_code
;MGSSHHHHHHSSGLVPRGSHMLTNLVAEPFAKLEQDFGGSIGVYAMDTGSGATVSYRAEERFPLCSSFKGFLAAAVLARS
QQQAGLLDTPIRYGKNALVPWSPISEKYLTTGMTVAELSAAAVQYSDNAAANLLLKELGGPAGLTAFMRSIGDTTFRLDR
WELELNSAIPGDARDTSSPRAVTESLQKLTLGSALAAPQRQQFVDWLKGNTTGNHRIRAAVPADWAVGDKTGTCGVYGTA
NDYAVVWPTGRAPIVLAVYTRAPNKDDKHSEAVIAAAARLALEGLGVNGQ
;
_entity_poly.pdbx_strand_id   A
#
loop_
_chem_comp.id
_chem_comp.type
_chem_comp.name
_chem_comp.formula
GOL non-polymer GLYCEROL 'C3 H8 O3'
N1G non-polymer 1,5-diphenyl-N-(1H-tetrazol-5-yl)-1H-pyrazole-3-carboxamide 'C17 H13 N7 O'
#
# COMPACT_ATOMS: atom_id res chain seq x y z
N SER A 19 -0.61 -3.15 24.17
CA SER A 19 0.34 -2.04 24.18
C SER A 19 -0.37 -0.70 24.16
N HIS A 20 -1.25 -0.47 25.14
CA HIS A 20 -1.94 0.80 25.26
C HIS A 20 -1.00 1.92 25.69
N MET A 21 0.13 1.58 26.30
CA MET A 21 1.04 2.60 26.81
C MET A 21 1.66 3.41 25.69
N LEU A 22 2.22 2.74 24.68
CA LEU A 22 2.92 3.45 23.61
C LEU A 22 1.97 4.26 22.74
N THR A 23 0.73 3.78 22.57
CA THR A 23 -0.24 4.57 21.83
C THR A 23 -0.51 5.90 22.52
N ASN A 24 -0.60 5.89 23.85
CA ASN A 24 -0.84 7.14 24.58
C ASN A 24 0.37 8.06 24.54
N LEU A 25 1.57 7.50 24.42
CA LEU A 25 2.79 8.31 24.42
C LEU A 25 2.78 9.29 23.25
N VAL A 26 2.34 8.84 22.07
CA VAL A 26 2.42 9.64 20.86
C VAL A 26 1.06 10.23 20.49
N ALA A 27 0.09 10.22 21.41
CA ALA A 27 -1.24 10.71 21.08
C ALA A 27 -1.24 12.22 20.85
N GLU A 28 -0.64 12.97 21.78
CA GLU A 28 -0.60 14.42 21.67
C GLU A 28 0.28 14.89 20.50
N PRO A 29 1.44 14.27 20.25
CA PRO A 29 2.19 14.65 19.03
C PRO A 29 1.42 14.38 17.75
N PHE A 30 0.74 13.23 17.65
CA PHE A 30 -0.01 12.92 16.45
C PHE A 30 -1.14 13.92 16.22
N ALA A 31 -1.82 14.32 17.29
CA ALA A 31 -2.93 15.28 17.15
C ALA A 31 -2.42 16.64 16.71
N LYS A 32 -1.25 17.06 17.22
CA LYS A 32 -0.68 18.33 16.77
C LYS A 32 -0.23 18.25 15.32
N LEU A 33 0.27 17.09 14.90
CA LEU A 33 0.67 16.92 13.50
C LEU A 33 -0.53 17.02 12.57
N GLU A 34 -1.61 16.31 12.89
CA GLU A 34 -2.79 16.36 12.04
C GLU A 34 -3.50 17.71 12.13
N GLN A 35 -3.29 18.45 13.20
CA GLN A 35 -3.81 19.82 13.27
C GLN A 35 -3.01 20.74 12.36
N ASP A 36 -1.68 20.56 12.31
CA ASP A 36 -0.87 21.33 11.38
C ASP A 36 -1.20 20.96 9.94
N PHE A 37 -1.50 19.68 9.69
CA PHE A 37 -1.90 19.25 8.35
C PHE A 37 -3.31 19.71 8.01
N GLY A 38 -4.16 19.87 9.02
CA GLY A 38 -5.53 20.29 8.77
C GLY A 38 -6.44 19.21 8.25
N GLY A 39 -6.17 17.96 8.60
CA GLY A 39 -6.99 16.84 8.17
C GLY A 39 -6.92 15.71 9.17
N SER A 40 -7.09 14.49 8.70
CA SER A 40 -6.99 13.30 9.53
C SER A 40 -5.76 12.50 9.14
N ILE A 41 -5.16 11.84 10.14
CA ILE A 41 -3.97 11.01 9.94
C ILE A 41 -4.22 9.67 10.61
N GLY A 42 -4.13 8.59 9.83
CA GLY A 42 -4.27 7.25 10.39
C GLY A 42 -2.96 6.49 10.34
N VAL A 43 -2.48 6.05 11.51
CA VAL A 43 -1.18 5.41 11.62
C VAL A 43 -1.32 4.12 12.43
N TYR A 44 -0.73 3.05 11.93
CA TYR A 44 -0.57 1.81 12.70
C TYR A 44 0.82 1.26 12.45
N ALA A 45 1.44 0.75 13.52
CA ALA A 45 2.79 0.20 13.39
C ALA A 45 2.98 -0.88 14.45
N MET A 46 3.58 -1.99 14.03
CA MET A 46 3.84 -3.11 14.94
C MET A 46 5.31 -3.49 14.85
N ASP A 47 5.94 -3.68 16.01
CA ASP A 47 7.33 -4.14 16.07
C ASP A 47 7.32 -5.66 16.23
N THR A 48 7.69 -6.36 15.16
CA THR A 48 7.68 -7.82 15.19
C THR A 48 8.78 -8.40 16.08
N GLY A 49 9.66 -7.57 16.62
CA GLY A 49 10.70 -8.04 17.52
C GLY A 49 10.24 -8.11 18.97
N SER A 50 9.36 -7.19 19.35
CA SER A 50 8.80 -7.17 20.69
C SER A 50 7.32 -7.45 20.74
N GLY A 51 6.56 -7.03 19.73
CA GLY A 51 5.12 -7.08 19.77
C GLY A 51 4.46 -5.78 20.16
N ALA A 52 5.23 -4.70 20.32
CA ALA A 52 4.65 -3.42 20.67
C ALA A 52 3.99 -2.78 19.46
N THR A 53 2.85 -2.13 19.69
CA THR A 53 2.11 -1.49 18.62
C THR A 53 1.81 -0.05 18.99
N VAL A 54 1.68 0.79 17.97
CA VAL A 54 1.22 2.17 18.12
C VAL A 54 0.04 2.38 17.19
N SER A 55 -1.03 2.98 17.72
CA SER A 55 -2.26 3.22 16.98
C SER A 55 -2.63 4.69 17.05
N TYR A 56 -3.08 5.22 15.92
CA TYR A 56 -3.72 6.54 15.90
C TYR A 56 -4.68 6.54 14.72
N ARG A 57 -5.98 6.53 15.01
CA ARG A 57 -7.01 6.36 13.98
C ARG A 57 -6.77 5.10 13.16
N ALA A 58 -6.11 4.10 13.74
CA ALA A 58 -5.67 2.94 12.97
C ALA A 58 -6.85 2.09 12.50
N GLU A 59 -8.02 2.26 13.10
CA GLU A 59 -9.21 1.50 12.73
C GLU A 59 -10.17 2.29 11.86
N GLU A 60 -9.87 3.55 11.55
CA GLU A 60 -10.72 4.35 10.69
C GLU A 60 -10.43 4.04 9.22
N ARG A 61 -11.45 4.26 8.39
CA ARG A 61 -11.34 3.98 6.96
C ARG A 61 -10.71 5.15 6.23
N PHE A 62 -9.66 4.86 5.46
CA PHE A 62 -9.03 5.84 4.59
C PHE A 62 -9.02 5.31 3.15
N PRO A 63 -9.09 6.20 2.16
CA PRO A 63 -9.08 5.75 0.77
C PRO A 63 -7.73 5.10 0.42
N LEU A 64 -7.80 3.96 -0.25
CA LEU A 64 -6.60 3.23 -0.60
C LEU A 64 -5.77 3.95 -1.65
N CYS A 65 -6.45 4.61 -2.60
CA CYS A 65 -5.78 5.19 -3.76
C CYS A 65 -4.90 4.12 -4.42
N SER A 66 -3.74 4.51 -4.94
CA SER A 66 -2.89 3.55 -5.64
C SER A 66 -2.31 2.47 -4.72
N SER A 67 -2.40 2.63 -3.40
CA SER A 67 -1.75 1.68 -2.50
C SER A 67 -2.35 0.29 -2.56
N PHE A 68 -3.48 0.11 -3.27
CA PHE A 68 -4.03 -1.22 -3.46
C PHE A 68 -3.20 -2.08 -4.40
N LYS A 69 -2.35 -1.46 -5.23
CA LYS A 69 -1.60 -2.22 -6.22
C LYS A 69 -0.60 -3.17 -5.56
N GLY A 70 -0.13 -2.83 -4.36
CA GLY A 70 0.73 -3.76 -3.63
C GLY A 70 0.01 -5.05 -3.30
N PHE A 71 -1.21 -4.95 -2.76
CA PHE A 71 -1.99 -6.16 -2.51
C PHE A 71 -2.44 -6.81 -3.81
N LEU A 72 -2.67 -6.02 -4.86
CA LEU A 72 -2.99 -6.59 -6.16
C LEU A 72 -1.88 -7.52 -6.65
N ALA A 73 -0.62 -7.12 -6.44
CA ALA A 73 0.50 -7.95 -6.87
C ALA A 73 0.61 -9.20 -6.01
N ALA A 74 0.44 -9.05 -4.69
CA ALA A 74 0.41 -10.23 -3.83
C ALA A 74 -0.71 -11.18 -4.20
N ALA A 75 -1.85 -10.63 -4.64
CA ALA A 75 -2.96 -11.49 -5.05
C ALA A 75 -2.61 -12.27 -6.31
N VAL A 76 -1.93 -11.62 -7.25
CA VAL A 76 -1.44 -12.30 -8.46
C VAL A 76 -0.42 -13.37 -8.10
N LEU A 77 0.39 -13.12 -7.06
CA LEU A 77 1.39 -14.10 -6.64
C LEU A 77 0.75 -15.32 -6.01
N ALA A 78 -0.32 -15.13 -5.24
CA ALA A 78 -1.03 -16.28 -4.67
C ALA A 78 -1.70 -17.12 -5.75
N ARG A 79 -2.19 -16.48 -6.81
CA ARG A 79 -2.80 -17.23 -7.91
C ARG A 79 -1.74 -17.97 -8.72
N SER A 80 -0.51 -17.47 -8.74
CA SER A 80 0.55 -18.14 -9.47
C SER A 80 0.93 -19.48 -8.84
N GLN A 81 0.55 -19.70 -7.57
CA GLN A 81 0.94 -20.93 -6.88
C GLN A 81 0.25 -22.14 -7.48
N GLN A 82 -1.07 -22.06 -7.67
CA GLN A 82 -1.83 -23.15 -8.28
C GLN A 82 -2.01 -22.97 -9.79
N GLN A 83 -1.38 -21.94 -10.37
CA GLN A 83 -1.34 -21.75 -11.82
C GLN A 83 0.13 -21.52 -12.18
N ALA A 84 0.86 -22.62 -12.38
CA ALA A 84 2.26 -22.52 -12.73
C ALA A 84 2.43 -21.85 -14.09
N GLY A 85 3.44 -21.00 -14.21
CA GLY A 85 3.62 -20.24 -15.42
C GLY A 85 2.64 -19.10 -15.61
N LEU A 86 1.91 -18.72 -14.57
CA LEU A 86 1.08 -17.53 -14.65
C LEU A 86 1.95 -16.28 -14.80
N LEU A 87 3.04 -16.21 -14.04
CA LEU A 87 3.89 -15.03 -14.07
C LEU A 87 4.53 -14.80 -15.43
N ASP A 88 4.72 -15.86 -16.21
CA ASP A 88 5.36 -15.76 -17.52
C ASP A 88 4.38 -15.58 -18.67
N THR A 89 3.08 -15.60 -18.40
CA THR A 89 2.08 -15.50 -19.46
C THR A 89 2.12 -14.14 -20.13
N PRO A 90 2.42 -14.05 -21.43
CA PRO A 90 2.42 -12.74 -22.09
C PRO A 90 1.00 -12.18 -22.19
N ILE A 91 0.90 -10.86 -21.99
CA ILE A 91 -0.37 -10.15 -22.04
C ILE A 91 -0.23 -9.03 -23.06
N ARG A 92 -0.95 -9.14 -24.17
CA ARG A 92 -0.99 -8.11 -25.19
C ARG A 92 -2.21 -7.24 -24.99
N TYR A 93 -2.08 -5.94 -25.27
CA TYR A 93 -3.14 -4.99 -25.01
C TYR A 93 -3.08 -3.87 -26.04
N GLY A 94 -4.25 -3.41 -26.47
CA GLY A 94 -4.32 -2.33 -27.43
C GLY A 94 -4.11 -0.96 -26.80
N LYS A 95 -4.26 0.06 -27.65
CA LYS A 95 -4.09 1.43 -27.18
C LYS A 95 -5.19 1.83 -26.20
N ASN A 96 -6.40 1.27 -26.35
CA ASN A 96 -7.49 1.64 -25.45
C ASN A 96 -7.26 1.14 -24.03
N ALA A 97 -6.41 0.12 -23.85
CA ALA A 97 -6.06 -0.35 -22.52
C ALA A 97 -5.23 0.66 -21.74
N LEU A 98 -4.70 1.67 -22.42
CA LEU A 98 -3.86 2.65 -21.74
C LEU A 98 -4.71 3.60 -20.90
N VAL A 99 -4.36 3.69 -19.62
CA VAL A 99 -5.01 4.61 -18.68
C VAL A 99 -3.98 5.71 -18.41
N PRO A 100 -4.41 6.96 -18.17
CA PRO A 100 -3.45 7.99 -17.77
C PRO A 100 -2.50 7.49 -16.67
N TRP A 101 -1.26 7.96 -16.74
CA TRP A 101 -0.16 7.45 -15.92
C TRP A 101 -0.02 5.94 -16.05
N SER A 102 0.55 5.56 -17.19
CA SER A 102 0.96 4.19 -17.50
C SER A 102 2.36 4.27 -18.09
N PRO A 103 3.34 4.74 -17.33
CA PRO A 103 4.66 5.01 -17.92
C PRO A 103 5.39 3.76 -18.36
N ILE A 104 5.12 2.62 -17.75
CA ILE A 104 5.77 1.39 -18.15
C ILE A 104 5.01 0.69 -19.27
N SER A 105 3.68 0.65 -19.17
CA SER A 105 2.87 -0.11 -20.13
C SER A 105 2.86 0.54 -21.50
N GLU A 106 2.84 1.88 -21.55
CA GLU A 106 2.81 2.55 -22.84
C GLU A 106 4.11 2.39 -23.61
N LYS A 107 5.17 1.88 -22.98
CA LYS A 107 6.42 1.62 -23.66
C LYS A 107 6.47 0.24 -24.29
N TYR A 108 5.57 -0.66 -23.89
CA TYR A 108 5.44 -1.98 -24.49
C TYR A 108 4.12 -2.13 -25.23
N LEU A 109 3.49 -1.01 -25.57
CA LEU A 109 2.21 -1.05 -26.28
C LEU A 109 2.30 -1.86 -27.56
N THR A 110 3.39 -1.68 -28.32
CA THR A 110 3.56 -2.41 -29.56
C THR A 110 4.06 -3.84 -29.35
N THR A 111 4.34 -4.25 -28.11
CA THR A 111 4.90 -5.57 -27.85
C THR A 111 4.09 -6.38 -26.85
N GLY A 112 3.59 -5.77 -25.78
CA GLY A 112 2.99 -6.49 -24.67
C GLY A 112 3.99 -6.70 -23.54
N MET A 113 3.49 -7.30 -22.46
CA MET A 113 4.29 -7.58 -21.26
C MET A 113 3.84 -8.88 -20.63
N THR A 114 4.64 -9.39 -19.70
CA THR A 114 4.26 -10.57 -18.95
C THR A 114 3.47 -10.16 -17.70
N VAL A 115 2.77 -11.14 -17.12
CA VAL A 115 1.97 -10.89 -15.93
C VAL A 115 2.87 -10.42 -14.78
N ALA A 116 4.05 -11.03 -14.66
CA ALA A 116 4.98 -10.60 -13.61
C ALA A 116 5.51 -9.20 -13.90
N GLU A 117 5.72 -8.87 -15.18
CA GLU A 117 6.16 -7.52 -15.53
C GLU A 117 5.09 -6.50 -15.22
N LEU A 118 3.84 -6.79 -15.56
CA LEU A 118 2.73 -5.89 -15.24
C LEU A 118 2.63 -5.70 -13.73
N SER A 119 2.82 -6.78 -12.97
CA SER A 119 2.72 -6.68 -11.52
C SER A 119 3.83 -5.82 -10.93
N ALA A 120 5.06 -5.99 -11.43
CA ALA A 120 6.16 -5.16 -10.96
C ALA A 120 5.96 -3.70 -11.35
N ALA A 121 5.40 -3.46 -12.54
CA ALA A 121 5.12 -2.09 -12.96
C ALA A 121 4.06 -1.45 -12.07
N ALA A 122 3.06 -2.23 -11.65
CA ALA A 122 2.00 -1.68 -10.82
C ALA A 122 2.51 -1.36 -9.42
N VAL A 123 3.40 -2.19 -8.88
CA VAL A 123 3.93 -1.93 -7.55
C VAL A 123 4.97 -0.81 -7.58
N GLN A 124 5.97 -0.92 -8.46
CA GLN A 124 7.13 -0.05 -8.40
C GLN A 124 6.92 1.29 -9.09
N TYR A 125 6.04 1.35 -10.09
CA TYR A 125 5.76 2.60 -10.79
C TYR A 125 4.30 3.01 -10.75
N SER A 126 3.45 2.27 -10.05
CA SER A 126 2.02 2.56 -9.94
C SER A 126 1.33 2.60 -11.30
N ASP A 127 1.81 1.77 -12.23
CA ASP A 127 1.28 1.75 -13.59
C ASP A 127 -0.21 1.40 -13.60
N ASN A 128 -1.01 2.27 -14.20
CA ASN A 128 -2.47 2.12 -14.14
C ASN A 128 -3.00 1.14 -15.19
N ALA A 129 -2.51 1.21 -16.42
CA ALA A 129 -2.94 0.23 -17.42
C ALA A 129 -2.59 -1.18 -16.96
N ALA A 130 -1.40 -1.34 -16.38
CA ALA A 130 -1.01 -2.64 -15.85
C ALA A 130 -1.94 -3.08 -14.72
N ALA A 131 -2.37 -2.13 -13.88
CA ALA A 131 -3.24 -2.47 -12.76
C ALA A 131 -4.59 -2.97 -13.24
N ASN A 132 -5.21 -2.25 -14.18
CA ASN A 132 -6.52 -2.67 -14.70
C ASN A 132 -6.43 -4.01 -15.42
N LEU A 133 -5.33 -4.24 -16.14
CA LEU A 133 -5.13 -5.52 -16.83
C LEU A 133 -5.01 -6.66 -15.82
N LEU A 134 -4.39 -6.41 -14.67
CA LEU A 134 -4.29 -7.43 -13.64
C LEU A 134 -5.58 -7.57 -12.85
N LEU A 135 -6.26 -6.45 -12.59
CA LEU A 135 -7.57 -6.52 -11.96
C LEU A 135 -8.51 -7.39 -12.78
N LYS A 136 -8.44 -7.28 -14.11
CA LYS A 136 -9.24 -8.14 -14.97
C LYS A 136 -8.84 -9.60 -14.83
N GLU A 137 -7.54 -9.87 -14.63
CA GLU A 137 -7.08 -11.25 -14.48
C GLU A 137 -7.65 -11.91 -13.25
N LEU A 138 -7.91 -11.13 -12.19
CA LEU A 138 -8.35 -11.68 -10.91
C LEU A 138 -9.86 -11.66 -10.74
N GLY A 139 -10.62 -11.21 -11.74
CA GLY A 139 -12.05 -11.10 -11.61
C GLY A 139 -12.57 -9.74 -11.19
N GLY A 140 -11.78 -8.69 -11.37
CA GLY A 140 -12.19 -7.34 -11.03
C GLY A 140 -11.94 -7.02 -9.57
N PRO A 141 -12.35 -5.83 -9.15
CA PRO A 141 -12.18 -5.44 -7.73
C PRO A 141 -12.74 -6.44 -6.74
N ALA A 142 -13.84 -7.12 -7.07
CA ALA A 142 -14.36 -8.15 -6.16
C ALA A 142 -13.37 -9.31 -6.02
N GLY A 143 -12.65 -9.63 -7.08
CA GLY A 143 -11.66 -10.71 -6.99
C GLY A 143 -10.52 -10.39 -6.05
N LEU A 144 -10.04 -9.14 -6.08
CA LEU A 144 -8.99 -8.74 -5.15
C LEU A 144 -9.51 -8.68 -3.72
N THR A 145 -10.74 -8.17 -3.54
CA THR A 145 -11.36 -8.22 -2.23
C THR A 145 -11.48 -9.65 -1.73
N ALA A 146 -11.83 -10.58 -2.62
CA ALA A 146 -11.94 -11.98 -2.23
C ALA A 146 -10.62 -12.52 -1.70
N PHE A 147 -9.50 -12.10 -2.30
CA PHE A 147 -8.20 -12.59 -1.85
C PHE A 147 -7.88 -12.08 -0.44
N MET A 148 -8.18 -10.81 -0.16
CA MET A 148 -7.88 -10.28 1.17
C MET A 148 -8.73 -10.95 2.24
N ARG A 149 -10.00 -11.23 1.95
CA ARG A 149 -10.80 -12.01 2.89
C ARG A 149 -10.19 -13.39 3.12
N SER A 150 -9.57 -13.96 2.09
CA SER A 150 -9.03 -15.31 2.18
C SER A 150 -7.73 -15.37 2.99
N ILE A 151 -7.14 -14.23 3.33
CA ILE A 151 -6.00 -14.20 4.25
C ILE A 151 -6.38 -13.63 5.61
N GLY A 152 -7.67 -13.40 5.85
CA GLY A 152 -8.15 -12.95 7.13
C GLY A 152 -8.48 -11.48 7.25
N ASP A 153 -8.47 -10.74 6.13
CA ASP A 153 -8.75 -9.31 6.14
C ASP A 153 -10.23 -9.08 5.83
N THR A 154 -10.99 -8.68 6.85
CA THR A 154 -12.41 -8.38 6.70
C THR A 154 -12.69 -6.89 6.49
N THR A 155 -11.66 -6.04 6.57
CA THR A 155 -11.81 -4.59 6.41
C THR A 155 -11.60 -4.16 4.97
N PHE A 156 -10.57 -4.68 4.32
CA PHE A 156 -10.22 -4.26 2.97
C PHE A 156 -11.40 -4.41 2.03
N ARG A 157 -11.60 -3.41 1.17
CA ARG A 157 -12.54 -3.56 0.06
C ARG A 157 -12.09 -2.70 -1.11
N LEU A 158 -12.05 -3.30 -2.29
CA LEU A 158 -11.91 -2.57 -3.54
C LEU A 158 -13.23 -2.63 -4.28
N ASP A 159 -13.66 -1.49 -4.81
CA ASP A 159 -14.96 -1.42 -5.45
C ASP A 159 -14.92 -1.00 -6.91
N ARG A 160 -13.94 -0.21 -7.32
CA ARG A 160 -13.88 0.32 -8.68
C ARG A 160 -12.49 0.11 -9.26
N TRP A 161 -12.36 0.47 -10.55
CA TRP A 161 -11.10 0.38 -11.28
C TRP A 161 -10.41 1.73 -11.33
N GLU A 162 -9.18 1.74 -11.82
CA GLU A 162 -8.53 2.99 -12.18
C GLU A 162 -9.27 3.60 -13.36
N LEU A 163 -9.59 4.90 -13.27
CA LEU A 163 -9.19 5.76 -12.16
C LEU A 163 -10.33 6.14 -11.24
N GLU A 164 -11.44 5.39 -11.27
CA GLU A 164 -12.60 5.79 -10.48
C GLU A 164 -12.37 5.61 -8.99
N LEU A 165 -11.49 4.69 -8.59
CA LEU A 165 -11.30 4.39 -7.17
C LEU A 165 -10.64 5.53 -6.39
N ASN A 166 -10.23 6.61 -7.05
CA ASN A 166 -9.48 7.66 -6.40
C ASN A 166 -10.33 8.84 -5.94
N SER A 167 -11.66 8.70 -5.95
CA SER A 167 -12.54 9.84 -5.63
C SER A 167 -12.34 10.32 -4.20
N ALA A 168 -12.01 9.43 -3.27
CA ALA A 168 -11.72 9.78 -1.87
C ALA A 168 -12.83 10.58 -1.21
N ILE A 169 -14.07 10.24 -1.54
CA ILE A 169 -15.23 11.01 -1.07
C ILE A 169 -15.37 10.86 0.44
N PRO A 170 -15.55 11.94 1.19
CA PRO A 170 -15.69 11.83 2.65
C PRO A 170 -16.86 10.93 3.05
N GLY A 171 -16.56 9.94 3.89
CA GLY A 171 -17.57 9.03 4.38
C GLY A 171 -17.87 7.86 3.47
N ASP A 172 -17.34 7.85 2.26
CA ASP A 172 -17.56 6.77 1.30
C ASP A 172 -16.63 5.61 1.63
N ALA A 173 -17.19 4.45 1.91
CA ALA A 173 -16.37 3.29 2.27
C ALA A 173 -15.79 2.59 1.05
N ARG A 174 -16.18 2.97 -0.16
CA ARG A 174 -15.68 2.30 -1.36
C ARG A 174 -14.17 2.51 -1.48
N ASP A 175 -13.47 1.43 -1.82
CA ASP A 175 -12.02 1.47 -2.06
C ASP A 175 -11.28 2.06 -0.86
N THR A 176 -11.53 1.48 0.32
CA THR A 176 -10.91 1.94 1.55
C THR A 176 -10.44 0.73 2.36
N SER A 177 -9.48 0.98 3.24
CA SER A 177 -9.21 0.05 4.33
C SER A 177 -8.77 0.86 5.54
N SER A 178 -8.34 0.15 6.58
CA SER A 178 -7.82 0.80 7.76
C SER A 178 -6.32 0.61 7.86
N PRO A 179 -5.60 1.59 8.43
CA PRO A 179 -4.14 1.42 8.58
C PRO A 179 -3.76 0.15 9.34
N ARG A 180 -4.58 -0.29 10.29
CA ARG A 180 -4.30 -1.53 11.00
C ARG A 180 -4.47 -2.74 10.09
N ALA A 181 -5.59 -2.81 9.36
CA ALA A 181 -5.81 -3.94 8.47
C ALA A 181 -4.76 -3.97 7.36
N VAL A 182 -4.38 -2.81 6.84
CA VAL A 182 -3.32 -2.75 5.85
C VAL A 182 -2.02 -3.31 6.43
N THR A 183 -1.67 -2.87 7.64
CA THR A 183 -0.46 -3.36 8.30
C THR A 183 -0.53 -4.86 8.54
N GLU A 184 -1.64 -5.32 9.13
CA GLU A 184 -1.78 -6.73 9.45
C GLU A 184 -1.68 -7.60 8.19
N SER A 185 -2.32 -7.17 7.10
CA SER A 185 -2.26 -7.94 5.86
C SER A 185 -0.88 -7.85 5.22
N LEU A 186 -0.24 -6.68 5.30
CA LEU A 186 1.12 -6.55 4.79
C LEU A 186 2.07 -7.47 5.54
N GLN A 187 1.91 -7.59 6.85
CA GLN A 187 2.76 -8.49 7.63
C GLN A 187 2.51 -9.94 7.24
N LYS A 188 1.25 -10.31 7.01
CA LYS A 188 0.93 -11.68 6.63
C LYS A 188 1.54 -12.04 5.27
N LEU A 189 1.56 -11.09 4.34
CA LEU A 189 2.03 -11.36 2.98
C LEU A 189 3.54 -11.20 2.82
N THR A 190 4.21 -10.50 3.72
CA THR A 190 5.65 -10.30 3.61
C THR A 190 6.45 -11.06 4.65
N LEU A 191 5.89 -11.30 5.83
CA LEU A 191 6.57 -12.02 6.88
C LEU A 191 5.85 -13.27 7.33
N GLY A 192 4.52 -13.33 7.19
CA GLY A 192 3.76 -14.48 7.62
C GLY A 192 3.71 -15.59 6.60
N SER A 193 2.56 -16.27 6.51
CA SER A 193 2.39 -17.47 5.70
C SER A 193 1.32 -17.34 4.63
N ALA A 194 0.83 -16.13 4.38
CA ALA A 194 -0.22 -15.97 3.36
C ALA A 194 0.29 -16.31 1.97
N LEU A 195 1.58 -16.11 1.73
CA LEU A 195 2.22 -16.49 0.49
C LEU A 195 3.31 -17.52 0.76
N ALA A 196 3.57 -18.38 -0.22
CA ALA A 196 4.64 -19.35 -0.08
C ALA A 196 6.00 -18.65 -0.06
N ALA A 197 7.01 -19.37 0.42
CA ALA A 197 8.36 -18.82 0.48
C ALA A 197 8.86 -18.27 -0.86
N PRO A 198 8.66 -18.92 -2.01
CA PRO A 198 9.10 -18.27 -3.27
C PRO A 198 8.34 -17.00 -3.57
N GLN A 199 7.02 -17.03 -3.50
CA GLN A 199 6.22 -15.86 -3.84
C GLN A 199 6.37 -14.75 -2.80
N ARG A 200 6.60 -15.10 -1.53
CA ARG A 200 6.78 -14.08 -0.51
C ARG A 200 7.99 -13.20 -0.82
N GLN A 201 9.11 -13.82 -1.20
CA GLN A 201 10.32 -13.05 -1.48
C GLN A 201 10.16 -12.16 -2.69
N GLN A 202 9.43 -12.63 -3.71
CA GLN A 202 9.20 -11.79 -4.89
C GLN A 202 8.39 -10.55 -4.53
N PHE A 203 7.38 -10.70 -3.68
CA PHE A 203 6.61 -9.56 -3.21
C PHE A 203 7.50 -8.57 -2.46
N VAL A 204 8.30 -9.07 -1.52
CA VAL A 204 9.24 -8.21 -0.81
C VAL A 204 10.19 -7.54 -1.79
N ASP A 205 10.62 -8.28 -2.82
CA ASP A 205 11.53 -7.72 -3.80
C ASP A 205 10.86 -6.65 -4.66
N TRP A 206 9.60 -6.88 -5.05
CA TRP A 206 8.86 -5.84 -5.76
C TRP A 206 8.70 -4.60 -4.91
N LEU A 207 8.40 -4.77 -3.62
CA LEU A 207 8.21 -3.62 -2.74
C LEU A 207 9.52 -2.90 -2.48
N LYS A 208 10.63 -3.63 -2.34
CA LYS A 208 11.92 -2.99 -2.10
C LYS A 208 12.33 -2.11 -3.28
N GLY A 209 11.92 -2.47 -4.49
CA GLY A 209 12.30 -1.71 -5.66
C GLY A 209 11.32 -0.63 -6.06
N ASN A 210 10.44 -0.22 -5.15
CA ASN A 210 9.51 0.87 -5.42
C ASN A 210 10.26 2.17 -5.66
N THR A 211 9.78 2.96 -6.61
CA THR A 211 10.44 4.18 -7.02
C THR A 211 9.69 5.45 -6.64
N THR A 212 8.46 5.33 -6.15
CA THR A 212 7.59 6.47 -5.89
C THR A 212 7.55 6.90 -4.42
N GLY A 213 8.31 6.25 -3.54
CA GLY A 213 8.14 6.51 -2.13
C GLY A 213 9.29 7.14 -1.38
N ASN A 214 10.19 7.81 -2.10
CA ASN A 214 11.41 8.35 -1.50
C ASN A 214 11.14 9.41 -0.43
N HIS A 215 9.99 10.09 -0.49
CA HIS A 215 9.73 11.21 0.41
C HIS A 215 8.68 10.89 1.48
N ARG A 216 8.37 9.61 1.69
CA ARG A 216 7.36 9.25 2.68
C ARG A 216 8.05 8.40 3.73
N ILE A 217 7.65 7.13 3.90
CA ILE A 217 8.24 6.29 4.95
C ILE A 217 9.74 6.18 4.76
N ARG A 218 10.21 6.12 3.51
CA ARG A 218 11.65 5.99 3.25
C ARG A 218 12.43 7.19 3.77
N ALA A 219 11.83 8.37 3.76
CA ALA A 219 12.48 9.57 4.29
C ALA A 219 12.46 9.63 5.80
N ALA A 220 11.86 8.65 6.47
CA ALA A 220 11.73 8.65 7.92
C ALA A 220 12.62 7.62 8.61
N VAL A 221 13.30 6.76 7.85
CA VAL A 221 14.08 5.67 8.44
C VAL A 221 15.56 5.96 8.27
N PRO A 222 16.42 5.41 9.14
CA PRO A 222 17.86 5.62 8.98
C PRO A 222 18.37 5.13 7.63
N ALA A 223 19.54 5.66 7.25
CA ALA A 223 20.09 5.39 5.92
C ALA A 223 20.40 3.91 5.69
N ASP A 224 20.63 3.14 6.74
CA ASP A 224 21.04 1.74 6.59
C ASP A 224 19.86 0.77 6.58
N TRP A 225 18.64 1.26 6.75
CA TRP A 225 17.47 0.39 6.83
C TRP A 225 17.03 -0.05 5.43
N ALA A 226 16.76 -1.34 5.28
CA ALA A 226 16.15 -1.85 4.05
C ALA A 226 14.64 -1.64 4.12
N VAL A 227 14.04 -1.16 3.02
CA VAL A 227 12.65 -0.75 3.03
C VAL A 227 11.96 -1.27 1.76
N GLY A 228 10.78 -1.85 1.93
CA GLY A 228 9.88 -2.12 0.83
C GLY A 228 8.55 -1.44 1.09
N ASP A 229 8.01 -0.71 0.10
CA ASP A 229 6.84 0.12 0.35
C ASP A 229 5.98 0.20 -0.90
N LYS A 230 4.77 0.73 -0.70
CA LYS A 230 3.87 1.07 -1.79
C LYS A 230 3.10 2.32 -1.38
N THR A 231 3.11 3.32 -2.25
CA THR A 231 2.47 4.61 -1.96
C THR A 231 1.11 4.70 -2.61
N GLY A 232 0.35 5.73 -2.20
CA GLY A 232 -0.94 6.05 -2.78
C GLY A 232 -1.21 7.54 -2.70
N THR A 233 -1.78 8.12 -3.75
CA THR A 233 -1.95 9.58 -3.83
C THR A 233 -3.24 9.87 -4.60
N CYS A 234 -4.37 9.88 -3.88
CA CYS A 234 -5.63 10.27 -4.51
C CYS A 234 -5.57 11.73 -4.97
N GLY A 235 -4.85 12.57 -4.23
CA GLY A 235 -4.70 13.97 -4.58
C GLY A 235 -5.80 14.81 -3.96
N VAL A 236 -7.02 14.57 -4.42
CA VAL A 236 -8.19 15.26 -3.87
C VAL A 236 -8.35 14.90 -2.39
N TYR A 237 -9.02 15.81 -1.67
CA TYR A 237 -9.33 15.63 -0.24
C TYR A 237 -8.08 15.34 0.59
N GLY A 238 -6.95 15.91 0.17
CA GLY A 238 -5.71 15.73 0.93
C GLY A 238 -5.39 14.29 1.24
N THR A 239 -5.67 13.39 0.31
CA THR A 239 -5.61 11.95 0.56
C THR A 239 -4.34 11.38 -0.07
N ALA A 240 -3.43 10.91 0.78
CA ALA A 240 -2.23 10.23 0.35
C ALA A 240 -1.80 9.28 1.46
N ASN A 241 -0.96 8.31 1.11
CA ASN A 241 -0.66 7.24 2.05
C ASN A 241 0.64 6.54 1.63
N ASP A 242 1.07 5.62 2.48
CA ASP A 242 2.26 4.81 2.31
C ASP A 242 2.25 3.73 3.37
N TYR A 243 2.60 2.50 2.97
CA TYR A 243 2.80 1.42 3.90
C TYR A 243 4.08 0.69 3.54
N ALA A 244 4.75 0.14 4.54
CA ALA A 244 6.07 -0.43 4.31
C ALA A 244 6.38 -1.49 5.35
N VAL A 245 7.26 -2.40 4.96
CA VAL A 245 7.96 -3.30 5.87
C VAL A 245 9.42 -2.84 5.88
N VAL A 246 9.88 -2.33 7.02
CA VAL A 246 11.23 -1.81 7.15
C VAL A 246 12.05 -2.78 7.97
N TRP A 247 13.32 -2.93 7.60
CA TRP A 247 14.23 -3.88 8.25
C TRP A 247 15.36 -3.12 8.92
N PRO A 248 15.26 -2.84 10.22
CA PRO A 248 16.40 -2.24 10.92
C PRO A 248 17.59 -3.19 10.93
N THR A 249 18.79 -2.61 10.94
CA THR A 249 20.01 -3.39 10.83
C THR A 249 20.14 -4.37 11.98
N GLY A 250 20.23 -5.66 11.65
CA GLY A 250 20.41 -6.70 12.66
C GLY A 250 19.29 -6.80 13.66
N ARG A 251 18.08 -6.39 13.29
CA ARG A 251 16.94 -6.47 14.18
C ARG A 251 15.70 -6.86 13.38
N ALA A 252 14.66 -7.29 14.09
CA ALA A 252 13.44 -7.75 13.44
C ALA A 252 12.74 -6.59 12.73
N PRO A 253 11.99 -6.87 11.67
CA PRO A 253 11.37 -5.80 10.89
C PRO A 253 10.15 -5.20 11.60
N ILE A 254 9.86 -3.97 11.20
CA ILE A 254 8.66 -3.25 11.62
C ILE A 254 7.75 -3.08 10.40
N VAL A 255 6.45 -3.29 10.61
CA VAL A 255 5.45 -3.07 9.58
C VAL A 255 4.60 -1.88 9.99
N LEU A 256 4.33 -0.98 9.04
CA LEU A 256 3.61 0.24 9.39
C LEU A 256 2.82 0.75 8.21
N ALA A 257 1.77 1.52 8.52
CA ALA A 257 0.91 2.12 7.51
C ALA A 257 0.52 3.52 7.98
N VAL A 258 0.60 4.47 7.06
CA VAL A 258 0.29 5.88 7.33
C VAL A 258 -0.64 6.37 6.24
N TYR A 259 -1.85 6.79 6.62
CA TYR A 259 -2.85 7.26 5.67
C TYR A 259 -3.36 8.63 6.12
N THR A 260 -3.70 9.48 5.15
CA THR A 260 -4.25 10.79 5.44
C THR A 260 -5.45 11.08 4.56
N ARG A 261 -6.31 11.96 5.06
CA ARG A 261 -7.39 12.54 4.26
C ARG A 261 -7.76 13.87 4.90
N ALA A 262 -8.67 14.57 4.24
CA ALA A 262 -9.02 15.94 4.61
C ALA A 262 -10.44 16.21 4.13
N PRO A 263 -11.14 17.19 4.75
CA PRO A 263 -12.58 17.33 4.49
C PRO A 263 -12.93 18.01 3.17
N ASN A 264 -12.02 18.79 2.60
CA ASN A 264 -12.30 19.58 1.41
C ASN A 264 -11.60 18.99 0.20
N LYS A 265 -12.31 18.97 -0.93
CA LYS A 265 -11.78 18.32 -2.13
C LYS A 265 -10.47 18.96 -2.57
N ASP A 266 -10.34 20.27 -2.42
CA ASP A 266 -9.14 20.97 -2.85
C ASP A 266 -8.08 21.09 -1.76
N ASP A 267 -8.27 20.41 -0.63
CA ASP A 267 -7.19 20.27 0.33
C ASP A 267 -6.05 19.48 -0.29
N LYS A 268 -4.83 19.91 -0.03
CA LYS A 268 -3.66 19.28 -0.63
C LYS A 268 -3.05 18.26 0.33
N HIS A 269 -2.63 17.13 -0.22
CA HIS A 269 -1.92 16.14 0.57
C HIS A 269 -0.51 16.63 0.86
N SER A 270 0.14 15.95 1.81
CA SER A 270 1.49 16.32 2.23
C SER A 270 2.33 15.07 2.39
N GLU A 271 3.38 14.95 1.58
CA GLU A 271 4.35 13.88 1.78
C GLU A 271 5.15 14.11 3.06
N ALA A 272 5.48 15.37 3.35
CA ALA A 272 6.21 15.68 4.58
C ALA A 272 5.44 15.20 5.81
N VAL A 273 4.13 15.45 5.85
CA VAL A 273 3.31 15.01 6.97
C VAL A 273 3.35 13.50 7.11
N ILE A 274 3.30 12.77 5.98
CA ILE A 274 3.36 11.32 6.02
C ILE A 274 4.69 10.86 6.63
N ALA A 275 5.79 11.48 6.20
CA ALA A 275 7.09 11.13 6.77
C ALA A 275 7.13 11.44 8.26
N ALA A 276 6.62 12.60 8.67
CA ALA A 276 6.63 12.97 10.08
C ALA A 276 5.80 12.01 10.91
N ALA A 277 4.69 11.52 10.35
CA ALA A 277 3.89 10.53 11.07
C ALA A 277 4.63 9.21 11.20
N ALA A 278 5.37 8.82 10.15
CA ALA A 278 6.16 7.59 10.23
C ALA A 278 7.25 7.70 11.28
N ARG A 279 7.80 8.90 11.47
CA ARG A 279 8.81 9.10 12.51
C ARG A 279 8.22 8.98 13.90
N LEU A 280 7.06 9.63 14.13
CA LEU A 280 6.47 9.59 15.46
C LEU A 280 6.06 8.18 15.86
N ALA A 281 5.64 7.36 14.89
CA ALA A 281 5.29 5.98 15.21
C ALA A 281 6.53 5.16 15.57
N LEU A 282 7.62 5.37 14.83
CA LEU A 282 8.88 4.70 15.19
C LEU A 282 9.40 5.22 16.52
N GLU A 283 9.24 6.52 16.79
CA GLU A 283 9.57 7.07 18.09
C GLU A 283 8.76 6.39 19.19
N GLY A 284 7.47 6.15 18.93
CA GLY A 284 6.63 5.48 19.92
C GLY A 284 7.07 4.07 20.21
N LEU A 285 7.59 3.37 19.20
CA LEU A 285 8.02 1.98 19.38
C LEU A 285 9.48 1.86 19.78
N GLY A 286 10.24 2.95 19.75
CA GLY A 286 11.67 2.89 20.04
C GLY A 286 12.54 2.76 18.80
C02 N1G B . -2.05 7.86 -7.38
C04 N1G B . 0.33 7.17 -6.83
C09 N1G B . -2.94 8.58 -8.38
C12 N1G B . -5.92 10.06 -9.70
C13 N1G B . -6.75 9.49 -10.65
C14 N1G B . -8.02 10.00 -10.87
C15 N1G B . -8.47 11.09 -10.15
C16 N1G B . -7.65 11.66 -9.19
C17 N1G B . -6.38 11.15 -8.97
C18 N1G B . -3.55 9.60 -10.25
C19 N1G B . -3.43 10.19 -11.64
C20 N1G B . -3.50 9.36 -12.75
C21 N1G B . -3.37 9.90 -14.02
C22 N1G B . -3.14 11.26 -14.17
C23 N1G B . -3.06 12.08 -13.07
C24 N1G B . -3.20 11.54 -11.80
C25 N1G B . -2.50 9.00 -9.61
N03 N1G B . -0.63 7.82 -7.69
N05 N1G B . 0.66 7.56 -5.59
N06 N1G B . 1.59 6.70 -5.12
N07 N1G B . 1.84 5.80 -6.06
N08 N1G B . 1.05 6.09 -7.13
N10 N1G B . -4.23 8.91 -8.26
N11 N1G B . -4.59 9.54 -9.43
O01 N1G B . -2.49 7.36 -6.39
C1 GOL C . 15.76 -8.45 4.62
O1 GOL C . 15.95 -7.08 4.51
C2 GOL C . 14.57 -8.79 3.69
O2 GOL C . 14.89 -8.58 2.36
C3 GOL C . 14.23 -10.26 3.98
O3 GOL C . 14.10 -10.88 2.74
#